data_8IPC
#
_entry.id   8IPC
#
_cell.length_a   51.935
_cell.length_b   75.086
_cell.length_c   173.522
_cell.angle_alpha   90.000
_cell.angle_beta   90.000
_cell.angle_gamma   90.000
#
_symmetry.space_group_name_H-M   'P 21 21 21'
#
loop_
_entity.id
_entity.type
_entity.pdbx_description
1 polymer 'The recombinantly-expressed heavy chain of the monoclonal antibody NZ-1'
2 polymer 'The recombinantly-expressed light chain of the monoclonal antibody NZ-1'
3 polymer 'Putative zinc metalloprotease aq_1964'
4 water water
#
loop_
_entity_poly.entity_id
_entity_poly.type
_entity_poly.pdbx_seq_one_letter_code
_entity_poly.pdbx_strand_id
1 'polypeptide(L)'
;GSEVQLVESGGGLVQPGRSLKLSCAASGFTFSNYGMAWVRQTPTKGLEWIASISAGGDKTYYGDSVKGRFSISRDNAKTT
HYLQMDSLRSEDTATYYCAKTSRVYFDYWGQGVMVTVSSAETTAPSVYPLAPGTALKSNSMVTLGCLVKGYFPEPVTVTW
NSGALSSGVHTFPAVLQSGLYTLTSSVTVPSSTWSSQAVTCNVAHPASSTKVDKKIVPREC
;
H
2 'polypeptide(L)'
;(PCA)FVLTQPNSVSTNLGSTVKLSCKRSTGNIGSNYVNWYQQHEGRSPTTMIYRDDKRPDGVPDRFSGSIDRSSNSALL
TINNVQTEDEADYFCHSYSSGIVFGGGTKLTVLGQPKSTPTLTVFPPSTEELQGNKATLVCLISDFYPSDVEVAWKANGA
PISQGVDTANPTKQGNKYIASSFLRLTAEQWRSRNSFTCQVTHEGNTVEKSLSPAECV
;
L
3 'polypeptide(L)'
;GSEVPKYLKEPVVVGYVQRDSIAQKIGIKPGDKIIKI(SNN)GYEVRTWEDLRDALIRLSLDGVKETTLFLEREGGVAMP
GAEDDVVEVLHLTIKVPNVQKGEELGIAPLVKPVVGGVKKGSPADQVGIKPGDLILEVNGKKINTWYELVEEVRKSQGKA
IKLKILRNGKMIEKELIPAKDPKTGTYFIGLFPKTE
;
A
#
# COMPACT_ATOMS: atom_id res chain seq x y z
N SER A 2 2.27 -0.06 -14.24
CA SER A 2 1.38 -1.19 -14.52
C SER A 2 0.15 -0.74 -15.30
N GLU A 3 -0.36 -1.64 -16.13
CA GLU A 3 -1.54 -1.38 -16.96
C GLU A 3 -2.79 -2.03 -16.41
N VAL A 4 -2.68 -2.78 -15.30
CA VAL A 4 -3.84 -3.47 -14.74
C VAL A 4 -4.82 -2.45 -14.17
N GLN A 5 -6.09 -2.59 -14.52
CA GLN A 5 -7.14 -1.72 -14.04
C GLN A 5 -8.32 -2.57 -13.57
N LEU A 6 -8.83 -2.27 -12.37
CA LEU A 6 -9.99 -2.96 -11.81
C LEU A 6 -10.96 -1.91 -11.32
N VAL A 7 -12.19 -1.95 -11.82
CA VAL A 7 -13.19 -0.93 -11.54
C VAL A 7 -14.47 -1.60 -11.04
N GLU A 8 -14.81 -1.34 -9.78
CA GLU A 8 -16.01 -1.91 -9.19
C GLU A 8 -17.24 -1.07 -9.56
N SER A 9 -18.40 -1.72 -9.48
CA SER A 9 -19.68 -1.04 -9.66
C SER A 9 -20.77 -1.94 -9.09
N GLY A 10 -21.96 -1.37 -8.95
CA GLY A 10 -23.10 -2.08 -8.44
C GLY A 10 -23.35 -1.96 -6.95
N GLY A 11 -22.64 -1.07 -6.27
CA GLY A 11 -22.82 -0.88 -4.84
C GLY A 11 -23.96 0.06 -4.53
N GLY A 12 -23.98 0.55 -3.29
CA GLY A 12 -25.00 1.47 -2.85
C GLY A 12 -25.71 1.04 -1.59
N LEU A 13 -27.02 1.26 -1.54
CA LEU A 13 -27.83 0.99 -0.36
C LEU A 13 -28.78 -0.16 -0.66
N VAL A 14 -29.00 -1.01 0.34
CA VAL A 14 -29.91 -2.15 0.24
C VAL A 14 -30.61 -2.35 1.58
N GLN A 15 -31.89 -2.69 1.53
CA GLN A 15 -32.61 -3.06 2.74
C GLN A 15 -32.07 -4.38 3.27
N PRO A 16 -32.13 -4.60 4.59
CA PRO A 16 -31.63 -5.86 5.14
C PRO A 16 -32.42 -7.06 4.61
N GLY A 17 -31.69 -8.13 4.34
CA GLY A 17 -32.28 -9.35 3.81
C GLY A 17 -32.46 -9.39 2.32
N ARG A 18 -32.19 -8.29 1.61
CA ARG A 18 -32.35 -8.24 0.17
C ARG A 18 -31.04 -8.64 -0.51
N SER A 19 -30.95 -8.43 -1.82
CA SER A 19 -29.83 -8.91 -2.61
C SER A 19 -29.11 -7.76 -3.30
N LEU A 20 -27.84 -8.01 -3.64
CA LEU A 20 -27.02 -7.04 -4.34
C LEU A 20 -25.89 -7.78 -5.05
N LYS A 21 -25.65 -7.45 -6.31
CA LYS A 21 -24.61 -8.08 -7.12
C LYS A 21 -23.58 -7.04 -7.51
N LEU A 22 -22.34 -7.22 -7.05
CA LEU A 22 -21.25 -6.32 -7.39
C LEU A 22 -20.55 -6.79 -8.66
N SER A 23 -20.03 -5.82 -9.42
CA SER A 23 -19.29 -6.08 -10.64
C SER A 23 -17.89 -5.49 -10.52
N CYS A 24 -16.94 -6.11 -11.21
CA CYS A 24 -15.56 -5.62 -11.27
C CYS A 24 -15.08 -5.80 -12.71
N ALA A 25 -15.01 -4.70 -13.45
CA ALA A 25 -14.53 -4.70 -14.83
C ALA A 25 -13.02 -4.57 -14.86
N ALA A 26 -12.37 -5.49 -15.56
CA ALA A 26 -10.91 -5.53 -15.62
C ALA A 26 -10.42 -5.20 -17.03
N SER A 27 -9.25 -4.58 -17.09
CA SER A 27 -8.61 -4.27 -18.37
C SER A 27 -7.11 -4.14 -18.13
N GLY A 28 -6.36 -4.11 -19.23
CA GLY A 28 -4.92 -3.96 -19.16
C GLY A 28 -4.14 -5.23 -18.93
N PHE A 29 -4.79 -6.38 -18.98
CA PHE A 29 -4.11 -7.66 -18.80
C PHE A 29 -5.03 -8.76 -19.29
N THR A 30 -4.45 -9.94 -19.51
CA THR A 30 -5.25 -11.10 -19.94
C THR A 30 -6.09 -11.58 -18.77
N PHE A 31 -7.40 -11.29 -18.82
CA PHE A 31 -8.27 -11.53 -17.68
C PHE A 31 -8.30 -13.00 -17.28
N SER A 32 -8.47 -13.89 -18.26
CA SER A 32 -8.65 -15.31 -17.97
C SER A 32 -7.38 -15.97 -17.43
N ASN A 33 -6.24 -15.29 -17.44
CA ASN A 33 -4.99 -15.86 -16.97
C ASN A 33 -4.78 -15.72 -15.48
N TYR A 34 -5.70 -15.09 -14.76
CA TYR A 34 -5.50 -14.82 -13.35
C TYR A 34 -6.81 -14.95 -12.58
N GLY A 35 -6.73 -15.51 -11.39
CA GLY A 35 -7.90 -15.58 -10.53
C GLY A 35 -8.24 -14.23 -9.94
N MET A 36 -9.52 -14.05 -9.62
CA MET A 36 -10.03 -12.83 -9.02
C MET A 36 -10.52 -13.10 -7.61
N ALA A 37 -10.80 -12.02 -6.88
CA ALA A 37 -11.21 -12.14 -5.49
C ALA A 37 -11.94 -10.87 -5.06
N TRP A 38 -12.59 -10.97 -3.91
CA TRP A 38 -13.28 -9.84 -3.28
C TRP A 38 -12.86 -9.77 -1.82
N VAL A 39 -12.44 -8.59 -1.39
CA VAL A 39 -12.04 -8.34 0.00
C VAL A 39 -12.78 -7.10 0.47
N ARG A 40 -13.36 -7.16 1.66
CA ARG A 40 -14.12 -6.05 2.21
C ARG A 40 -13.40 -5.46 3.42
N GLN A 41 -13.79 -4.23 3.77
CA GLN A 41 -13.10 -3.49 4.82
C GLN A 41 -14.09 -2.63 5.58
N THR A 42 -14.00 -2.67 6.90
CA THR A 42 -14.70 -1.76 7.81
C THR A 42 -13.69 -1.12 8.75
N PRO A 43 -13.96 0.09 9.23
CA PRO A 43 -13.03 0.72 10.18
C PRO A 43 -12.84 -0.08 11.46
N THR A 44 -13.71 -1.04 11.76
CA THR A 44 -13.63 -1.85 12.96
C THR A 44 -13.03 -3.23 12.72
N LYS A 45 -13.43 -3.92 11.65
CA LYS A 45 -12.97 -5.27 11.39
C LYS A 45 -11.72 -5.33 10.52
N GLY A 46 -11.39 -4.25 9.80
CA GLY A 46 -10.22 -4.27 8.95
C GLY A 46 -10.45 -5.04 7.65
N LEU A 47 -9.36 -5.53 7.09
CA LEU A 47 -9.42 -6.27 5.83
C LEU A 47 -9.82 -7.72 6.08
N GLU A 48 -10.82 -8.18 5.34
CA GLU A 48 -11.38 -9.52 5.54
C GLU A 48 -11.69 -10.13 4.19
N TRP A 49 -11.06 -11.26 3.89
CA TRP A 49 -11.27 -11.93 2.61
C TRP A 49 -12.67 -12.53 2.53
N ILE A 50 -13.36 -12.29 1.43
CA ILE A 50 -14.74 -12.71 1.23
C ILE A 50 -14.83 -13.93 0.31
N ALA A 51 -14.36 -13.79 -0.93
CA ALA A 51 -14.51 -14.85 -1.91
C ALA A 51 -13.33 -14.83 -2.88
N SER A 52 -13.12 -15.96 -3.55
CA SER A 52 -12.03 -16.12 -4.50
C SER A 52 -12.46 -17.12 -5.58
N ILE A 53 -12.13 -16.81 -6.84
CA ILE A 53 -12.47 -17.66 -7.96
C ILE A 53 -11.23 -17.86 -8.81
N SER A 54 -11.11 -19.06 -9.39
CA SER A 54 -9.93 -19.42 -10.16
C SER A 54 -9.94 -18.73 -11.53
N ALA A 55 -8.80 -18.82 -12.22
CA ALA A 55 -8.64 -18.15 -13.50
C ALA A 55 -9.72 -18.58 -14.49
N GLY A 56 -9.93 -19.88 -14.65
CA GLY A 56 -10.96 -20.37 -15.55
C GLY A 56 -12.37 -20.28 -15.02
N GLY A 57 -12.55 -19.96 -13.74
CA GLY A 57 -13.87 -19.84 -13.16
C GLY A 57 -14.53 -21.13 -12.76
N ASP A 58 -13.75 -22.19 -12.51
CA ASP A 58 -14.31 -23.49 -12.17
C ASP A 58 -14.25 -23.84 -10.70
N LYS A 59 -13.34 -23.22 -9.94
CA LYS A 59 -13.23 -23.44 -8.50
C LYS A 59 -13.52 -22.14 -7.76
N THR A 60 -14.23 -22.26 -6.64
CA THR A 60 -14.60 -21.11 -5.82
C THR A 60 -14.22 -21.36 -4.37
N TYR A 61 -13.84 -20.30 -3.68
CA TYR A 61 -13.47 -20.34 -2.28
C TYR A 61 -14.12 -19.16 -1.56
N TYR A 62 -14.46 -19.37 -0.29
CA TYR A 62 -15.22 -18.38 0.45
C TYR A 62 -14.67 -18.22 1.86
N GLY A 63 -14.84 -17.03 2.42
CA GLY A 63 -14.44 -16.77 3.79
C GLY A 63 -15.48 -17.25 4.79
N ASP A 64 -15.09 -17.19 6.07
CA ASP A 64 -15.94 -17.74 7.13
C ASP A 64 -17.23 -16.96 7.29
N SER A 65 -17.18 -15.64 7.12
CA SER A 65 -18.39 -14.83 7.24
C SER A 65 -19.39 -15.10 6.13
N VAL A 66 -18.98 -15.79 5.06
CA VAL A 66 -19.87 -16.21 3.99
C VAL A 66 -20.28 -17.65 4.26
N LYS A 67 -21.59 -17.89 4.36
CA LYS A 67 -22.15 -19.22 4.59
C LYS A 67 -23.24 -19.47 3.54
N GLY A 68 -22.81 -19.77 2.32
CA GLY A 68 -23.73 -20.01 1.23
C GLY A 68 -24.53 -18.80 0.79
N ARG A 69 -24.21 -17.61 1.30
CA ARG A 69 -24.98 -16.43 0.94
C ARG A 69 -24.46 -15.79 -0.35
N PHE A 70 -23.15 -15.66 -0.48
CA PHE A 70 -22.55 -14.99 -1.62
C PHE A 70 -22.11 -16.00 -2.65
N SER A 71 -22.24 -15.62 -3.93
CA SER A 71 -21.85 -16.48 -5.05
C SER A 71 -20.95 -15.67 -5.97
N ILE A 72 -19.66 -16.02 -5.99
CA ILE A 72 -18.69 -15.34 -6.84
C ILE A 72 -18.64 -16.04 -8.19
N SER A 73 -18.88 -15.29 -9.26
CA SER A 73 -18.83 -15.80 -10.62
C SER A 73 -17.90 -14.92 -11.45
N ARG A 74 -17.66 -15.33 -12.69
CA ARG A 74 -16.81 -14.56 -13.57
C ARG A 74 -17.18 -14.84 -15.02
N ASP A 75 -17.00 -13.83 -15.87
CA ASP A 75 -17.29 -13.90 -17.30
C ASP A 75 -16.00 -13.60 -18.03
N ASN A 76 -15.26 -14.65 -18.38
CA ASN A 76 -13.95 -14.50 -19.02
C ASN A 76 -14.06 -13.94 -20.43
N ALA A 77 -15.26 -13.78 -20.97
CA ALA A 77 -15.43 -13.16 -22.28
C ALA A 77 -15.66 -11.66 -22.19
N LYS A 78 -16.21 -11.17 -21.08
CA LYS A 78 -16.46 -9.75 -20.88
C LYS A 78 -15.47 -9.12 -19.91
N THR A 79 -14.42 -9.84 -19.53
CA THR A 79 -13.38 -9.37 -18.60
C THR A 79 -14.01 -8.75 -17.34
N THR A 80 -14.93 -9.49 -16.74
CA THR A 80 -15.62 -9.02 -15.55
C THR A 80 -15.97 -10.22 -14.67
N HIS A 81 -15.77 -10.06 -13.36
CA HIS A 81 -16.22 -11.03 -12.38
C HIS A 81 -17.23 -10.36 -11.45
N TYR A 82 -18.00 -11.19 -10.74
CA TYR A 82 -19.15 -10.71 -10.01
C TYR A 82 -19.18 -11.32 -8.61
N LEU A 83 -19.90 -10.63 -7.71
CA LEU A 83 -20.15 -11.09 -6.35
C LEU A 83 -21.64 -10.91 -6.08
N GLN A 84 -22.41 -11.98 -6.26
CA GLN A 84 -23.84 -11.96 -5.96
C GLN A 84 -24.04 -12.18 -4.47
N MET A 85 -24.69 -11.23 -3.80
CA MET A 85 -24.89 -11.27 -2.35
C MET A 85 -26.37 -11.37 -2.05
N ASP A 86 -26.76 -12.40 -1.32
CA ASP A 86 -28.14 -12.60 -0.88
C ASP A 86 -28.19 -12.58 0.63
N SER A 87 -29.38 -12.24 1.16
CA SER A 87 -29.65 -12.24 2.60
C SER A 87 -28.64 -11.36 3.35
N LEU A 88 -28.59 -10.09 2.94
CA LEU A 88 -27.61 -9.17 3.48
C LEU A 88 -28.05 -8.65 4.84
N ARG A 89 -27.13 -8.68 5.80
CA ARG A 89 -27.35 -8.14 7.13
C ARG A 89 -26.66 -6.78 7.26
N SER A 90 -27.07 -6.03 8.29
CA SER A 90 -26.47 -4.72 8.53
C SER A 90 -24.98 -4.83 8.80
N GLU A 91 -24.52 -5.96 9.31
CA GLU A 91 -23.10 -6.17 9.56
C GLU A 91 -22.29 -6.33 8.27
N ASP A 92 -22.95 -6.55 7.14
CA ASP A 92 -22.27 -6.63 5.86
C ASP A 92 -21.94 -5.27 5.28
N THR A 93 -22.27 -4.18 5.97
CA THR A 93 -21.93 -2.84 5.51
C THR A 93 -20.42 -2.68 5.52
N ALA A 94 -19.84 -2.41 4.35
CA ALA A 94 -18.39 -2.31 4.22
C ALA A 94 -18.04 -1.71 2.87
N THR A 95 -16.76 -1.41 2.70
CA THR A 95 -16.19 -1.08 1.40
C THR A 95 -15.66 -2.37 0.78
N TYR A 96 -16.15 -2.70 -0.41
CA TYR A 96 -15.82 -3.97 -1.06
C TYR A 96 -14.83 -3.72 -2.19
N TYR A 97 -13.66 -4.35 -2.09
CA TYR A 97 -12.62 -4.29 -3.12
C TYR A 97 -12.63 -5.58 -3.94
N CYS A 98 -12.50 -5.44 -5.25
CA CYS A 98 -12.12 -6.58 -6.07
C CYS A 98 -10.60 -6.58 -6.23
N ALA A 99 -10.02 -7.76 -6.39
CA ALA A 99 -8.58 -7.91 -6.41
C ALA A 99 -8.17 -8.97 -7.43
N LYS A 100 -6.99 -8.77 -8.00
CA LYS A 100 -6.38 -9.73 -8.91
C LYS A 100 -5.29 -10.50 -8.17
N THR A 101 -5.14 -11.78 -8.49
CA THR A 101 -4.17 -12.64 -7.83
C THR A 101 -2.97 -12.87 -8.74
N SER A 102 -1.83 -13.16 -8.10
CA SER A 102 -0.61 -13.58 -8.80
C SER A 102 -0.01 -14.74 -8.00
N ARG A 103 -0.64 -15.90 -8.13
CA ARG A 103 -0.17 -17.16 -7.54
C ARG A 103 -0.27 -17.20 -6.02
N VAL A 104 0.34 -16.25 -5.32
CA VAL A 104 0.46 -16.34 -3.87
C VAL A 104 0.01 -15.07 -3.16
N TYR A 105 -0.52 -14.10 -3.90
CA TYR A 105 -0.93 -12.84 -3.28
C TYR A 105 -1.85 -12.09 -4.22
N PHE A 106 -2.45 -11.01 -3.68
CA PHE A 106 -3.20 -10.05 -4.47
C PHE A 106 -2.23 -8.99 -4.96
N ASP A 107 -2.01 -8.91 -6.27
CA ASP A 107 -1.03 -7.94 -6.76
C ASP A 107 -1.66 -6.57 -7.02
N TYR A 108 -2.94 -6.50 -7.34
CA TYR A 108 -3.59 -5.24 -7.64
C TYR A 108 -5.01 -5.23 -7.09
N TRP A 109 -5.42 -4.09 -6.54
CA TRP A 109 -6.74 -3.92 -5.94
C TRP A 109 -7.54 -2.91 -6.73
N GLY A 110 -8.86 -3.05 -6.67
CA GLY A 110 -9.74 -2.06 -7.25
C GLY A 110 -9.82 -0.82 -6.39
N GLN A 111 -10.78 0.04 -6.74
CA GLN A 111 -10.98 1.28 -6.01
C GLN A 111 -11.91 1.13 -4.81
N GLY A 112 -12.63 0.01 -4.72
CA GLY A 112 -13.54 -0.20 -3.62
C GLY A 112 -14.88 0.49 -3.84
N VAL A 113 -15.96 -0.20 -3.50
CA VAL A 113 -17.31 0.34 -3.64
C VAL A 113 -18.02 0.17 -2.31
N MET A 114 -18.76 1.20 -1.91
CA MET A 114 -19.45 1.18 -0.63
C MET A 114 -20.78 0.47 -0.75
N VAL A 115 -21.04 -0.45 0.18
CA VAL A 115 -22.31 -1.15 0.29
C VAL A 115 -22.86 -0.92 1.69
N THR A 116 -24.03 -0.29 1.76
CA THR A 116 -24.67 0.03 3.04
C THR A 116 -25.97 -0.75 3.15
N VAL A 117 -26.07 -1.59 4.17
CA VAL A 117 -27.26 -2.39 4.42
C VAL A 117 -28.03 -1.71 5.54
N SER A 118 -29.17 -1.10 5.19
CA SER A 118 -29.94 -0.34 6.17
C SER A 118 -31.37 -0.20 5.67
N SER A 119 -32.29 -0.05 6.61
CA SER A 119 -33.68 0.22 6.27
C SER A 119 -33.95 1.68 5.97
N ALA A 120 -33.01 2.57 6.27
CA ALA A 120 -33.17 3.99 5.96
C ALA A 120 -33.14 4.21 4.46
N GLU A 121 -33.86 5.24 4.02
CA GLU A 121 -33.96 5.54 2.60
C GLU A 121 -32.75 6.35 2.14
N THR A 122 -32.43 6.20 0.85
CA THR A 122 -31.38 7.02 0.25
C THR A 122 -31.86 8.45 0.12
N THR A 123 -30.99 9.40 0.44
CA THR A 123 -31.31 10.82 0.38
C THR A 123 -30.25 11.52 -0.46
N ALA A 124 -30.68 12.10 -1.58
CA ALA A 124 -29.77 12.89 -2.40
C ALA A 124 -29.40 14.17 -1.66
N PRO A 125 -28.18 14.66 -1.86
CA PRO A 125 -27.76 15.88 -1.16
C PRO A 125 -28.27 17.14 -1.84
N SER A 126 -28.40 18.19 -1.04
CA SER A 126 -28.66 19.54 -1.53
C SER A 126 -27.34 20.29 -1.58
N VAL A 127 -27.04 20.89 -2.73
CA VAL A 127 -25.76 21.56 -2.97
C VAL A 127 -25.99 23.06 -3.00
N TYR A 128 -25.18 23.80 -2.24
CA TYR A 128 -25.28 25.25 -2.17
C TYR A 128 -23.93 25.88 -2.49
N PRO A 129 -23.91 26.95 -3.28
CA PRO A 129 -22.63 27.60 -3.62
C PRO A 129 -22.12 28.46 -2.47
N LEU A 130 -20.80 28.41 -2.28
CA LEU A 130 -20.13 29.18 -1.23
C LEU A 130 -19.22 30.20 -1.89
N ALA A 131 -19.43 31.46 -1.56
CA ALA A 131 -18.63 32.59 -2.05
C ALA A 131 -18.22 33.45 -0.87
N PRO A 132 -17.11 34.21 -1.01
CA PRO A 132 -16.64 35.10 0.07
C PRO A 132 -17.70 36.08 0.57
N SER A 140 -6.49 39.14 -6.44
CA SER A 140 -5.72 38.37 -5.47
C SER A 140 -6.17 36.92 -5.45
N MET A 141 -6.14 36.30 -4.27
CA MET A 141 -6.49 34.91 -4.08
C MET A 141 -7.94 34.80 -3.63
N VAL A 142 -8.70 33.93 -4.28
CA VAL A 142 -10.10 33.67 -3.92
C VAL A 142 -10.27 32.19 -3.63
N THR A 143 -10.91 31.88 -2.50
CA THR A 143 -11.24 30.50 -2.14
C THR A 143 -12.75 30.33 -2.21
N LEU A 144 -13.21 29.57 -3.21
CA LEU A 144 -14.62 29.28 -3.38
C LEU A 144 -14.96 27.93 -2.74
N GLY A 145 -16.25 27.64 -2.65
CA GLY A 145 -16.66 26.42 -1.98
C GLY A 145 -18.02 25.93 -2.43
N CYS A 146 -18.35 24.73 -1.97
CA CYS A 146 -19.65 24.12 -2.25
C CYS A 146 -20.06 23.28 -1.04
N LEU A 147 -21.26 23.53 -0.54
CA LEU A 147 -21.79 22.83 0.62
C LEU A 147 -22.68 21.68 0.16
N VAL A 148 -22.29 20.46 0.51
CA VAL A 148 -23.02 19.24 0.15
C VAL A 148 -23.77 18.81 1.40
N LYS A 149 -25.07 19.12 1.45
CA LYS A 149 -25.84 19.08 2.69
C LYS A 149 -26.83 17.92 2.70
N GLY A 150 -26.79 17.12 3.77
CA GLY A 150 -27.83 16.17 4.10
C GLY A 150 -28.05 15.03 3.12
N TYR A 151 -27.03 14.18 2.93
CA TYR A 151 -27.14 13.02 2.07
C TYR A 151 -26.95 11.75 2.89
N PHE A 152 -27.39 10.63 2.30
CA PHE A 152 -27.20 9.31 2.89
C PHE A 152 -27.38 8.27 1.81
N PRO A 153 -26.52 7.25 1.74
CA PRO A 153 -25.34 7.13 2.60
C PRO A 153 -24.09 7.70 1.94
N GLU A 154 -22.94 7.47 2.56
CA GLU A 154 -21.67 7.80 1.94
C GLU A 154 -21.45 6.91 0.71
N PRO A 155 -20.63 7.37 -0.26
CA PRO A 155 -19.94 8.66 -0.29
C PRO A 155 -20.52 9.64 -1.29
N VAL A 156 -19.90 10.82 -1.38
CA VAL A 156 -20.09 11.74 -2.49
C VAL A 156 -18.72 12.13 -3.02
N THR A 157 -18.68 12.50 -4.29
CA THR A 157 -17.47 13.02 -4.92
C THR A 157 -17.74 14.42 -5.44
N VAL A 158 -16.72 15.27 -5.39
CA VAL A 158 -16.82 16.65 -5.83
C VAL A 158 -15.62 16.95 -6.72
N THR A 159 -15.89 17.44 -7.93
CA THR A 159 -14.87 17.98 -8.81
C THR A 159 -15.19 19.44 -9.10
N TRP A 160 -14.21 20.15 -9.64
CA TRP A 160 -14.36 21.56 -9.98
C TRP A 160 -14.06 21.75 -11.45
N ASN A 161 -15.02 22.35 -12.17
CA ASN A 161 -14.93 22.53 -13.61
C ASN A 161 -14.68 21.19 -14.31
N SER A 162 -15.46 20.19 -13.89
CA SER A 162 -15.40 18.83 -14.42
C SER A 162 -14.02 18.21 -14.29
N GLY A 163 -13.21 18.66 -13.34
CA GLY A 163 -11.87 18.14 -13.15
C GLY A 163 -10.76 19.00 -13.72
N ALA A 164 -11.10 20.06 -14.46
CA ALA A 164 -10.07 20.94 -15.00
C ALA A 164 -9.33 21.69 -13.90
N LEU A 165 -10.02 22.04 -12.82
CA LEU A 165 -9.39 22.68 -11.67
C LEU A 165 -9.04 21.59 -10.66
N SER A 166 -7.76 21.18 -10.66
CA SER A 166 -7.30 20.16 -9.73
C SER A 166 -6.36 20.69 -8.66
N SER A 167 -5.77 21.86 -8.86
CA SER A 167 -4.86 22.42 -7.87
C SER A 167 -5.62 23.17 -6.79
N GLY A 168 -5.20 22.98 -5.54
CA GLY A 168 -5.85 23.65 -4.43
C GLY A 168 -7.24 23.15 -4.13
N VAL A 169 -7.54 21.90 -4.48
CA VAL A 169 -8.85 21.32 -4.21
C VAL A 169 -8.79 20.56 -2.90
N HIS A 170 -9.69 20.90 -1.98
CA HIS A 170 -9.78 20.24 -0.68
C HIS A 170 -11.22 19.84 -0.43
N THR A 171 -11.48 18.54 -0.44
CA THR A 171 -12.79 17.98 -0.10
C THR A 171 -12.73 17.49 1.33
N PHE A 172 -13.43 18.19 2.22
CA PHE A 172 -13.33 17.90 3.65
C PHE A 172 -14.23 16.72 4.00
N PRO A 173 -13.79 15.84 4.92
CA PRO A 173 -14.65 14.73 5.34
C PRO A 173 -15.94 15.23 5.96
N ALA A 174 -17.00 14.46 5.74
CA ALA A 174 -18.33 14.88 6.13
C ALA A 174 -18.55 14.72 7.64
N VAL A 175 -19.56 15.41 8.14
CA VAL A 175 -20.05 15.22 9.50
C VAL A 175 -21.35 14.45 9.43
N LEU A 176 -21.65 13.69 10.47
CA LEU A 176 -22.86 12.90 10.56
C LEU A 176 -23.77 13.51 11.61
N GLN A 177 -25.00 13.86 11.22
CA GLN A 177 -25.93 14.53 12.12
C GLN A 177 -27.34 14.08 11.79
N SER A 178 -27.99 13.40 12.74
CA SER A 178 -29.37 12.96 12.59
C SER A 178 -29.53 12.04 11.37
N GLY A 179 -28.55 11.16 11.16
CA GLY A 179 -28.62 10.20 10.08
C GLY A 179 -28.29 10.72 8.70
N LEU A 180 -27.84 11.97 8.59
CA LEU A 180 -27.50 12.56 7.30
C LEU A 180 -26.09 13.13 7.36
N TYR A 181 -25.39 13.06 6.22
CA TYR A 181 -24.03 13.53 6.10
C TYR A 181 -23.99 14.92 5.47
N THR A 182 -22.97 15.69 5.83
CA THR A 182 -22.76 17.01 5.25
C THR A 182 -21.27 17.29 5.19
N LEU A 183 -20.79 17.74 4.03
CA LEU A 183 -19.39 18.12 3.88
C LEU A 183 -19.30 19.40 3.05
N THR A 184 -18.08 19.92 2.93
CA THR A 184 -17.81 21.07 2.09
C THR A 184 -16.55 20.82 1.30
N SER A 185 -16.57 21.18 0.02
CA SER A 185 -15.40 21.16 -0.83
C SER A 185 -15.03 22.58 -1.22
N SER A 186 -13.73 22.85 -1.30
CA SER A 186 -13.24 24.19 -1.60
C SER A 186 -12.14 24.11 -2.64
N VAL A 187 -11.98 25.21 -3.38
CA VAL A 187 -10.94 25.36 -4.39
C VAL A 187 -10.43 26.80 -4.32
N THR A 188 -9.13 26.96 -4.53
CA THR A 188 -8.49 28.27 -4.51
C THR A 188 -7.93 28.57 -5.90
N VAL A 189 -8.46 29.61 -6.54
CA VAL A 189 -8.04 29.97 -7.89
C VAL A 189 -7.73 31.46 -7.94
N PRO A 190 -6.79 31.89 -8.79
CA PRO A 190 -6.64 33.33 -9.05
C PRO A 190 -7.96 33.96 -9.42
N SER A 191 -8.12 35.23 -9.04
CA SER A 191 -9.33 35.97 -9.40
C SER A 191 -9.49 36.13 -10.90
N SER A 192 -8.38 36.05 -11.67
CA SER A 192 -8.48 36.11 -13.12
C SER A 192 -9.25 34.92 -13.67
N THR A 193 -9.06 33.74 -13.08
CA THR A 193 -9.81 32.56 -13.51
C THR A 193 -11.28 32.68 -13.15
N TRP A 194 -11.58 33.27 -11.99
CA TRP A 194 -12.97 33.42 -11.58
C TRP A 194 -13.69 34.48 -12.41
N SER A 195 -12.97 35.52 -12.82
CA SER A 195 -13.61 36.59 -13.60
C SER A 195 -13.75 36.22 -15.07
N SER A 196 -12.77 35.50 -15.62
CA SER A 196 -12.80 35.18 -17.04
C SER A 196 -13.69 33.96 -17.31
N GLN A 197 -13.54 32.91 -16.52
CA GLN A 197 -14.28 31.67 -16.73
C GLN A 197 -15.17 31.39 -15.53
N ALA A 198 -16.24 30.63 -15.77
CA ALA A 198 -17.12 30.20 -14.70
C ALA A 198 -16.45 29.12 -13.86
N VAL A 199 -16.73 29.14 -12.56
CA VAL A 199 -16.24 28.14 -11.62
C VAL A 199 -17.44 27.35 -11.11
N THR A 200 -17.45 26.05 -11.39
CA THR A 200 -18.59 25.19 -11.07
C THR A 200 -18.10 23.96 -10.33
N CYS A 201 -18.80 23.61 -9.25
CA CYS A 201 -18.53 22.35 -8.56
C CYS A 201 -19.49 21.27 -9.07
N ASN A 202 -18.96 20.07 -9.27
CA ASN A 202 -19.74 18.93 -9.75
C ASN A 202 -19.82 17.89 -8.64
N VAL A 203 -21.02 17.71 -8.09
CA VAL A 203 -21.26 16.79 -6.98
C VAL A 203 -21.95 15.55 -7.52
N ALA A 204 -21.50 14.38 -7.06
CA ALA A 204 -22.09 13.11 -7.46
C ALA A 204 -22.42 12.30 -6.21
N HIS A 205 -23.62 11.72 -6.17
CA HIS A 205 -24.06 10.83 -5.11
C HIS A 205 -24.45 9.50 -5.75
N PRO A 206 -23.52 8.55 -5.85
CA PRO A 206 -23.81 7.33 -6.62
C PRO A 206 -24.98 6.51 -6.09
N ALA A 207 -25.17 6.46 -4.78
CA ALA A 207 -26.25 5.65 -4.22
C ALA A 207 -27.61 6.09 -4.71
N SER A 208 -27.77 7.37 -5.03
CA SER A 208 -29.02 7.90 -5.57
C SER A 208 -28.92 8.26 -7.05
N SER A 209 -27.80 7.93 -7.70
CA SER A 209 -27.57 8.22 -9.12
C SER A 209 -27.75 9.72 -9.40
N THR A 210 -27.28 10.55 -8.49
CA THR A 210 -27.47 11.99 -8.56
C THR A 210 -26.18 12.68 -8.96
N LYS A 211 -26.29 13.64 -9.88
CA LYS A 211 -25.20 14.55 -10.23
C LYS A 211 -25.75 15.97 -10.18
N VAL A 212 -25.04 16.85 -9.48
CA VAL A 212 -25.46 18.24 -9.30
C VAL A 212 -24.32 19.15 -9.72
N ASP A 213 -24.66 20.20 -10.47
CA ASP A 213 -23.73 21.27 -10.81
C ASP A 213 -24.24 22.55 -10.19
N LYS A 214 -23.33 23.31 -9.57
CA LYS A 214 -23.68 24.60 -8.97
C LYS A 214 -22.58 25.60 -9.30
N LYS A 215 -22.95 26.67 -10.00
CA LYS A 215 -22.00 27.71 -10.39
C LYS A 215 -21.79 28.69 -9.24
N ILE A 216 -20.53 29.07 -9.04
CA ILE A 216 -20.15 29.99 -7.96
C ILE A 216 -20.26 31.42 -8.51
N VAL A 217 -21.20 32.19 -7.98
CA VAL A 217 -21.38 33.58 -8.40
C VAL A 217 -21.10 34.47 -7.20
N PRO A 218 -20.52 35.65 -7.39
CA PRO A 218 -20.25 36.54 -6.24
C PRO A 218 -21.48 36.80 -5.40
N ARG A 219 -21.26 37.07 -4.12
CA ARG A 219 -22.35 37.23 -3.17
C ARG A 219 -23.20 38.45 -3.51
N GLU A 220 -24.48 38.38 -3.16
CA GLU A 220 -25.43 39.43 -3.47
C GLU A 220 -25.85 40.19 -2.21
N CYS A 221 -27.15 40.26 -1.96
CA CYS A 221 -27.67 40.96 -0.79
C CYS A 221 -28.68 40.10 -0.03
N PCA B 1 -8.08 -21.11 10.11
CA PCA B 1 -7.16 -22.11 10.66
CB PCA B 1 -6.54 -22.94 9.54
CG PCA B 1 -6.83 -22.21 8.24
CD PCA B 1 -7.84 -21.18 8.66
OE PCA B 1 -8.43 -20.48 7.84
C PCA B 1 -6.07 -21.46 11.48
O PCA B 1 -5.45 -22.11 12.33
N PHE B 2 -5.84 -20.17 11.23
CA PHE B 2 -4.82 -19.40 11.94
C PHE B 2 -5.03 -17.92 11.72
N VAL B 3 -4.42 -17.09 12.57
CA VAL B 3 -4.57 -15.64 12.52
C VAL B 3 -3.19 -14.99 12.54
N LEU B 4 -3.16 -13.74 12.09
CA LEU B 4 -1.94 -12.94 12.05
C LEU B 4 -2.12 -11.74 12.98
N THR B 5 -1.19 -11.59 13.92
CA THR B 5 -1.28 -10.58 14.96
C THR B 5 -0.23 -9.50 14.72
N GLN B 6 -0.70 -8.27 14.46
CA GLN B 6 0.16 -7.10 14.36
C GLN B 6 -0.18 -6.11 15.47
N PRO B 7 0.76 -5.26 15.87
CA PRO B 7 0.42 -4.20 16.84
C PRO B 7 -0.61 -3.26 16.26
N ASN B 8 -1.53 -2.80 17.11
CA ASN B 8 -2.60 -1.93 16.64
C ASN B 8 -2.04 -0.61 16.11
N SER B 9 -1.00 -0.09 16.76
CA SER B 9 -0.41 1.18 16.34
C SER B 9 1.07 1.20 16.71
N VAL B 10 1.84 1.93 15.92
CA VAL B 10 3.28 2.08 16.14
C VAL B 10 3.66 3.51 15.80
N SER B 11 4.35 4.18 16.71
CA SER B 11 4.80 5.56 16.51
C SER B 11 6.32 5.58 16.38
N THR B 12 6.80 6.27 15.36
CA THR B 12 8.23 6.45 15.13
C THR B 12 8.48 7.87 14.66
N ASN B 13 9.74 8.27 14.65
CA ASN B 13 10.13 9.62 14.27
C ASN B 13 10.72 9.63 12.86
N LEU B 14 10.82 10.83 12.31
CA LEU B 14 11.35 11.00 10.96
C LEU B 14 12.80 10.56 10.90
N GLY B 15 13.16 9.89 9.80
CA GLY B 15 14.51 9.40 9.60
C GLY B 15 14.87 8.16 10.39
N SER B 16 14.00 7.70 11.28
CA SER B 16 14.29 6.54 12.11
C SER B 16 14.03 5.26 11.32
N THR B 17 14.20 4.12 12.00
CA THR B 17 13.96 2.81 11.41
C THR B 17 12.91 2.09 12.25
N VAL B 18 11.84 1.64 11.59
CA VAL B 18 10.71 1.02 12.27
C VAL B 18 10.60 -0.44 11.83
N LYS B 19 10.13 -1.29 12.75
CA LYS B 19 9.97 -2.71 12.51
C LYS B 19 8.52 -3.08 12.79
N LEU B 20 7.76 -3.32 11.73
CA LEU B 20 6.35 -3.71 11.85
C LEU B 20 6.26 -5.23 11.91
N SER B 21 5.77 -5.75 13.03
CA SER B 21 5.77 -7.19 13.28
C SER B 21 4.43 -7.81 12.88
N CYS B 22 4.51 -9.05 12.36
CA CYS B 22 3.33 -9.83 11.99
C CYS B 22 3.56 -11.24 12.52
N LYS B 23 2.77 -11.64 13.51
CA LYS B 23 2.95 -12.91 14.21
C LYS B 23 1.92 -13.92 13.73
N ARG B 24 2.40 -15.11 13.35
CA ARG B 24 1.51 -16.21 13.00
C ARG B 24 1.17 -17.00 14.26
N SER B 25 -0.13 -17.21 14.49
CA SER B 25 -0.59 -17.86 15.70
C SER B 25 -0.17 -19.33 15.77
N THR B 26 -0.72 -20.15 14.88
CA THR B 26 -0.39 -21.57 14.81
C THR B 26 0.13 -21.92 13.43
N GLY B 27 1.08 -22.85 13.38
CA GLY B 27 1.70 -23.25 12.14
C GLY B 27 3.02 -22.54 11.90
N ASN B 28 3.78 -23.08 10.95
CA ASN B 28 5.06 -22.50 10.58
C ASN B 28 4.85 -21.33 9.62
N ILE B 29 5.53 -20.22 9.90
CA ILE B 29 5.36 -19.04 9.04
C ILE B 29 6.04 -19.24 7.70
N GLY B 30 7.06 -20.11 7.64
CA GLY B 30 7.72 -20.39 6.38
C GLY B 30 6.95 -21.28 5.44
N SER B 31 5.87 -21.90 5.90
CA SER B 31 5.10 -22.81 5.06
C SER B 31 4.22 -22.09 4.05
N ASN B 32 3.97 -20.80 4.26
CA ASN B 32 3.19 -19.99 3.32
C ASN B 32 3.80 -18.60 3.24
N TYR B 33 3.77 -18.03 2.04
CA TYR B 33 4.36 -16.70 1.83
C TYR B 33 3.61 -15.65 2.63
N VAL B 34 4.35 -14.65 3.10
CA VAL B 34 3.80 -13.50 3.80
C VAL B 34 3.90 -12.29 2.89
N ASN B 35 2.82 -11.54 2.78
CA ASN B 35 2.75 -10.36 1.92
C ASN B 35 2.32 -9.15 2.74
N TRP B 36 2.80 -7.98 2.33
CA TRP B 36 2.57 -6.73 3.03
C TRP B 36 1.89 -5.72 2.12
N TYR B 37 0.86 -5.06 2.65
CA TYR B 37 0.09 -4.07 1.90
C TYR B 37 0.04 -2.76 2.66
N GLN B 38 0.20 -1.66 1.94
CA GLN B 38 0.09 -0.32 2.48
C GLN B 38 -1.24 0.28 2.03
N GLN B 39 -1.97 0.87 2.97
CA GLN B 39 -3.24 1.53 2.68
C GLN B 39 -3.24 2.92 3.29
N HIS B 40 -3.15 3.94 2.45
CA HIS B 40 -3.30 5.31 2.91
C HIS B 40 -4.76 5.58 3.28
N GLU B 41 -4.99 6.73 3.91
CA GLU B 41 -6.34 7.11 4.34
C GLU B 41 -7.24 7.29 3.13
N GLY B 42 -8.36 6.58 3.12
CA GLY B 42 -9.33 6.70 2.04
C GLY B 42 -8.84 6.22 0.68
N ARG B 43 -7.87 5.30 0.66
CA ARG B 43 -7.29 4.82 -0.58
C ARG B 43 -7.26 3.30 -0.59
N SER B 44 -6.97 2.74 -1.77
CA SER B 44 -6.88 1.30 -1.94
C SER B 44 -5.53 0.78 -1.47
N PRO B 45 -5.48 -0.45 -0.96
CA PRO B 45 -4.18 -1.03 -0.58
C PRO B 45 -3.31 -1.26 -1.81
N THR B 46 -2.01 -1.09 -1.63
CA THR B 46 -1.04 -1.42 -2.67
C THR B 46 0.03 -2.33 -2.08
N THR B 47 0.61 -3.16 -2.94
CA THR B 47 1.60 -4.12 -2.49
C THR B 47 2.92 -3.44 -2.16
N MET B 48 3.44 -3.69 -0.97
CA MET B 48 4.78 -3.27 -0.59
C MET B 48 5.79 -4.42 -0.68
N ILE B 49 5.43 -5.59 -0.17
CA ILE B 49 6.29 -6.76 -0.17
C ILE B 49 5.43 -7.98 -0.50
N TYR B 50 5.90 -8.80 -1.43
CA TYR B 50 5.27 -10.08 -1.72
C TYR B 50 6.32 -11.18 -1.68
N ARG B 51 5.86 -12.41 -1.53
CA ARG B 51 6.72 -13.59 -1.40
C ARG B 51 7.81 -13.36 -0.35
N ASP B 52 7.36 -13.06 0.87
CA ASP B 52 8.21 -12.86 2.04
C ASP B 52 9.09 -11.62 1.95
N ASP B 53 9.78 -11.43 0.82
CA ASP B 53 10.77 -10.35 0.76
C ASP B 53 10.93 -9.73 -0.63
N LYS B 54 10.12 -10.07 -1.61
CA LYS B 54 10.24 -9.47 -2.94
C LYS B 54 9.55 -8.10 -2.95
N ARG B 55 10.24 -7.10 -3.50
CA ARG B 55 9.70 -5.75 -3.56
C ARG B 55 9.31 -5.41 -4.99
N PRO B 56 8.07 -5.00 -5.24
CA PRO B 56 7.66 -4.67 -6.61
C PRO B 56 8.35 -3.41 -7.11
N ASP B 57 8.26 -3.22 -8.43
CA ASP B 57 8.80 -2.02 -9.05
C ASP B 57 8.06 -0.79 -8.53
N GLY B 58 8.81 0.28 -8.29
CA GLY B 58 8.24 1.52 -7.79
C GLY B 58 8.26 1.67 -6.28
N VAL B 59 8.32 0.58 -5.54
CA VAL B 59 8.41 0.66 -4.08
C VAL B 59 9.84 1.02 -3.69
N PRO B 60 10.04 2.02 -2.83
CA PRO B 60 11.40 2.45 -2.49
C PRO B 60 12.19 1.35 -1.80
N ASP B 61 13.53 1.48 -1.90
CA ASP B 61 14.42 0.52 -1.26
C ASP B 61 14.31 0.53 0.25
N ARG B 62 13.70 1.57 0.82
CA ARG B 62 13.61 1.69 2.27
C ARG B 62 12.77 0.58 2.89
N PHE B 63 11.85 0.01 2.13
CA PHE B 63 11.02 -1.09 2.60
C PHE B 63 11.72 -2.42 2.37
N SER B 64 11.60 -3.32 3.33
CA SER B 64 12.21 -4.64 3.21
C SER B 64 11.45 -5.61 4.11
N GLY B 65 11.21 -6.82 3.59
CA GLY B 65 10.51 -7.86 4.32
C GLY B 65 11.46 -8.95 4.76
N SER B 66 11.12 -9.63 5.85
CA SER B 66 11.95 -10.70 6.38
C SER B 66 11.04 -11.70 7.09
N ILE B 67 11.60 -12.87 7.38
CA ILE B 67 10.91 -13.93 8.10
C ILE B 67 11.83 -14.46 9.18
N ASP B 68 11.31 -14.57 10.40
CA ASP B 68 12.06 -15.10 11.54
C ASP B 68 11.28 -16.30 12.08
N ARG B 69 11.67 -17.50 11.64
CA ARG B 69 11.00 -18.72 12.10
C ARG B 69 11.22 -18.99 13.57
N SER B 70 12.19 -18.33 14.21
CA SER B 70 12.37 -18.49 15.65
C SER B 70 11.14 -18.01 16.41
N SER B 71 10.75 -16.76 16.20
CA SER B 71 9.53 -16.21 16.78
C SER B 71 8.31 -16.44 15.89
N ASN B 72 8.49 -17.10 14.74
CA ASN B 72 7.40 -17.35 13.79
C ASN B 72 6.72 -16.05 13.39
N SER B 73 7.52 -14.99 13.21
CA SER B 73 7.02 -13.65 12.96
C SER B 73 7.58 -13.10 11.66
N ALA B 74 6.77 -12.33 10.94
CA ALA B 74 7.20 -11.61 9.76
C ALA B 74 7.39 -10.14 10.12
N LEU B 75 8.44 -9.53 9.57
CA LEU B 75 8.83 -8.18 9.94
C LEU B 75 8.99 -7.33 8.70
N LEU B 76 8.25 -6.22 8.64
CA LEU B 76 8.42 -5.21 7.60
C LEU B 76 9.27 -4.08 8.16
N THR B 77 10.42 -3.84 7.54
CA THR B 77 11.38 -2.86 8.02
C THR B 77 11.43 -1.67 7.07
N ILE B 78 11.31 -0.46 7.62
CA ILE B 78 11.32 0.77 6.84
C ILE B 78 12.50 1.61 7.32
N ASN B 79 13.54 1.69 6.50
CA ASN B 79 14.66 2.56 6.78
C ASN B 79 14.32 4.00 6.40
N ASN B 80 14.83 4.95 7.18
CA ASN B 80 14.65 6.38 6.91
C ASN B 80 13.17 6.70 6.70
N VAL B 81 12.39 6.48 7.76
CA VAL B 81 10.93 6.60 7.67
C VAL B 81 10.56 8.03 7.30
N GLN B 82 9.88 8.19 6.16
CA GLN B 82 9.47 9.48 5.66
C GLN B 82 8.03 9.77 6.09
N THR B 83 7.55 10.97 5.76
CA THR B 83 6.20 11.35 6.15
C THR B 83 5.15 10.65 5.30
N GLU B 84 5.48 10.31 4.05
CA GLU B 84 4.52 9.61 3.19
C GLU B 84 4.26 8.18 3.64
N ASP B 85 5.17 7.60 4.45
CA ASP B 85 4.98 6.24 4.95
C ASP B 85 3.91 6.16 6.03
N GLU B 86 3.38 7.29 6.48
CA GLU B 86 2.29 7.31 7.45
C GLU B 86 1.04 6.73 6.79
N ALA B 87 0.69 5.51 7.16
CA ALA B 87 -0.44 4.80 6.57
C ALA B 87 -0.75 3.59 7.44
N ASP B 88 -1.67 2.76 6.96
CA ASP B 88 -1.94 1.46 7.55
C ASP B 88 -1.17 0.39 6.79
N TYR B 89 -0.63 -0.58 7.53
CA TYR B 89 0.12 -1.68 6.94
C TYR B 89 -0.50 -3.00 7.39
N PHE B 90 -0.94 -3.80 6.43
CA PHE B 90 -1.56 -5.09 6.69
C PHE B 90 -0.66 -6.20 6.16
N CYS B 91 -0.32 -7.15 7.02
CA CYS B 91 0.33 -8.36 6.54
C CYS B 91 -0.73 -9.36 6.10
N HIS B 92 -0.31 -10.31 5.27
CA HIS B 92 -1.25 -11.21 4.62
C HIS B 92 -0.59 -12.56 4.40
N SER B 93 -1.36 -13.63 4.60
CA SER B 93 -0.88 -14.99 4.35
C SER B 93 -2.07 -15.84 3.96
N TYR B 94 -1.88 -17.16 3.97
CA TYR B 94 -2.90 -18.07 3.44
C TYR B 94 -2.55 -19.49 3.87
N SER B 95 -3.47 -20.40 3.59
CA SER B 95 -3.28 -21.84 3.74
C SER B 95 -4.42 -22.56 3.04
N SER B 96 -5.40 -23.03 3.82
CA SER B 96 -6.66 -23.47 3.23
C SER B 96 -7.57 -22.29 2.94
N GLY B 97 -7.39 -21.18 3.67
CA GLY B 97 -8.09 -19.95 3.38
C GLY B 97 -7.13 -18.79 3.21
N ILE B 98 -7.62 -17.56 3.31
CA ILE B 98 -6.79 -16.37 3.15
C ILE B 98 -6.98 -15.49 4.38
N VAL B 99 -5.87 -15.11 5.00
CA VAL B 99 -5.88 -14.43 6.29
C VAL B 99 -5.15 -13.10 6.16
N PHE B 100 -5.76 -12.05 6.71
CA PHE B 100 -5.13 -10.75 6.85
C PHE B 100 -4.83 -10.47 8.32
N GLY B 101 -3.70 -9.81 8.56
CA GLY B 101 -3.44 -9.30 9.88
C GLY B 101 -4.39 -8.18 10.24
N GLY B 102 -4.35 -7.78 11.52
CA GLY B 102 -5.22 -6.72 11.99
C GLY B 102 -4.85 -5.34 11.48
N GLY B 103 -3.61 -5.15 11.05
CA GLY B 103 -3.16 -3.87 10.55
C GLY B 103 -2.49 -3.02 11.62
N THR B 104 -1.48 -2.25 11.21
CA THR B 104 -0.75 -1.37 12.12
C THR B 104 -0.78 0.04 11.56
N LYS B 105 -1.37 0.97 12.32
CA LYS B 105 -1.37 2.38 11.96
C LYS B 105 -0.01 2.97 12.30
N LEU B 106 0.78 3.30 11.29
CA LEU B 106 2.11 3.87 11.49
C LEU B 106 2.01 5.38 11.54
N THR B 107 2.47 5.97 12.65
CA THR B 107 2.47 7.41 12.83
C THR B 107 3.91 7.92 12.78
N VAL B 108 4.16 8.92 11.94
CA VAL B 108 5.48 9.49 11.76
C VAL B 108 5.49 10.86 12.44
N LEU B 109 6.32 10.99 13.48
CA LEU B 109 6.46 12.24 14.20
C LEU B 109 7.72 12.98 13.73
N GLY B 110 7.85 14.22 14.19
CA GLY B 110 9.03 15.03 13.90
C GLY B 110 8.83 16.08 12.83
N GLN B 111 7.72 16.06 12.09
CA GLN B 111 7.48 17.08 11.09
C GLN B 111 7.18 18.42 11.77
N PRO B 112 7.48 19.54 11.09
CA PRO B 112 7.38 20.84 11.75
C PRO B 112 5.93 21.22 12.06
N LYS B 113 5.76 21.90 13.19
CA LYS B 113 4.44 22.36 13.60
C LYS B 113 3.96 23.47 12.67
N SER B 114 2.66 23.48 12.38
CA SER B 114 2.04 24.46 11.50
C SER B 114 0.75 24.97 12.13
N THR B 115 0.54 26.28 12.05
CA THR B 115 -0.65 26.90 12.59
C THR B 115 -1.81 26.81 11.60
N PRO B 116 -3.03 26.62 12.09
CA PRO B 116 -4.17 26.43 11.16
C PRO B 116 -4.52 27.71 10.42
N THR B 117 -4.93 27.52 9.17
CA THR B 117 -5.49 28.59 8.34
C THR B 117 -7.00 28.39 8.25
N LEU B 118 -7.75 29.47 8.44
CA LEU B 118 -9.20 29.40 8.51
C LEU B 118 -9.84 30.04 7.28
N THR B 119 -10.98 29.47 6.88
CA THR B 119 -11.80 30.02 5.82
C THR B 119 -13.26 29.86 6.22
N VAL B 120 -14.00 30.97 6.25
CA VAL B 120 -15.39 30.97 6.68
C VAL B 120 -16.27 31.33 5.49
N PHE B 121 -17.52 30.85 5.51
CA PHE B 121 -18.46 31.07 4.44
C PHE B 121 -19.83 31.41 5.02
N PRO B 122 -20.46 32.48 4.57
CA PRO B 122 -21.82 32.79 5.01
C PRO B 122 -22.82 31.85 4.37
N PRO B 123 -24.06 31.80 4.85
CA PRO B 123 -25.05 30.92 4.22
C PRO B 123 -25.44 31.46 2.84
N SER B 124 -25.64 30.54 1.90
CA SER B 124 -25.99 30.94 0.55
C SER B 124 -27.41 31.48 0.50
N THR B 125 -27.68 32.32 -0.50
CA THR B 125 -29.04 32.83 -0.69
C THR B 125 -30.02 31.69 -0.98
N GLU B 126 -29.56 30.65 -1.68
CA GLU B 126 -30.43 29.52 -1.99
C GLU B 126 -30.87 28.81 -0.72
N GLU B 127 -29.94 28.63 0.24
CA GLU B 127 -30.31 28.01 1.50
C GLU B 127 -31.19 28.92 2.35
N LEU B 128 -30.96 30.23 2.29
CA LEU B 128 -31.77 31.18 3.05
C LEU B 128 -33.22 31.17 2.57
N GLN B 129 -33.45 30.84 1.29
CA GLN B 129 -34.82 30.78 0.79
C GLN B 129 -35.62 29.68 1.47
N GLY B 130 -34.95 28.66 1.98
CA GLY B 130 -35.57 27.62 2.78
C GLY B 130 -35.66 27.93 4.26
N ASN B 131 -35.38 29.17 4.65
CA ASN B 131 -35.43 29.60 6.05
C ASN B 131 -34.46 28.81 6.93
N LYS B 132 -33.32 28.43 6.37
CA LYS B 132 -32.26 27.77 7.11
C LYS B 132 -30.92 28.39 6.73
N ALA B 133 -29.97 28.36 7.67
CA ALA B 133 -28.67 28.96 7.45
C ALA B 133 -27.60 28.08 8.07
N THR B 134 -26.56 27.78 7.28
CA THR B 134 -25.43 26.98 7.73
C THR B 134 -24.16 27.81 7.59
N LEU B 135 -23.47 28.04 8.71
CA LEU B 135 -22.19 28.72 8.69
C LEU B 135 -21.08 27.67 8.57
N VAL B 136 -20.13 27.92 7.68
CA VAL B 136 -19.08 26.96 7.35
C VAL B 136 -17.74 27.54 7.78
N CYS B 137 -16.95 26.73 8.48
CA CYS B 137 -15.60 27.10 8.89
C CYS B 137 -14.65 25.99 8.48
N LEU B 138 -13.73 26.30 7.57
CA LEU B 138 -12.76 25.33 7.07
C LEU B 138 -11.42 25.58 7.74
N ILE B 139 -10.84 24.52 8.28
CA ILE B 139 -9.57 24.57 8.99
C ILE B 139 -8.58 23.67 8.23
N SER B 140 -7.45 24.25 7.82
CA SER B 140 -6.49 23.52 6.99
C SER B 140 -5.08 23.93 7.37
N ASP B 141 -4.12 23.16 6.86
CA ASP B 141 -2.70 23.51 6.93
C ASP B 141 -2.21 23.63 8.37
N PHE B 142 -2.43 22.58 9.16
CA PHE B 142 -2.00 22.58 10.55
C PHE B 142 -1.46 21.22 10.95
N TYR B 143 -0.43 21.23 11.80
CA TYR B 143 0.15 20.04 12.41
C TYR B 143 0.61 20.44 13.80
N PRO B 144 0.35 19.61 14.83
CA PRO B 144 -0.31 18.30 14.78
C PRO B 144 -1.82 18.36 14.60
N SER B 145 -2.49 17.23 14.87
CA SER B 145 -3.90 17.09 14.54
C SER B 145 -4.81 17.70 15.60
N ASP B 146 -4.42 17.67 16.86
CA ASP B 146 -5.31 18.08 17.94
C ASP B 146 -5.67 19.55 17.82
N VAL B 147 -6.96 19.83 17.63
CA VAL B 147 -7.48 21.19 17.55
C VAL B 147 -8.81 21.25 18.28
N GLU B 148 -9.07 22.42 18.89
CA GLU B 148 -10.35 22.71 19.52
C GLU B 148 -11.08 23.77 18.71
N VAL B 149 -12.39 23.59 18.55
CA VAL B 149 -13.20 24.46 17.70
C VAL B 149 -14.37 24.99 18.50
N ALA B 150 -14.59 26.30 18.45
CA ALA B 150 -15.70 26.94 19.14
C ALA B 150 -16.25 28.07 18.29
N TRP B 151 -17.53 28.38 18.50
CA TRP B 151 -18.21 29.44 17.77
C TRP B 151 -18.64 30.54 18.73
N LYS B 152 -18.86 31.73 18.16
CA LYS B 152 -19.27 32.89 18.93
C LYS B 152 -20.27 33.70 18.13
N ALA B 153 -21.22 34.33 18.83
CA ALA B 153 -22.25 35.17 18.24
C ALA B 153 -22.14 36.56 18.86
N ASN B 154 -21.71 37.54 18.06
CA ASN B 154 -21.46 38.90 18.53
C ASN B 154 -20.51 38.91 19.71
N GLY B 155 -19.49 38.05 19.65
CA GLY B 155 -18.55 37.88 20.74
C GLY B 155 -19.01 36.95 21.84
N ALA B 156 -20.29 36.63 21.90
CA ALA B 156 -20.83 35.74 22.93
C ALA B 156 -20.79 34.29 22.45
N PRO B 157 -20.34 33.39 23.31
CA PRO B 157 -20.24 31.98 22.91
C PRO B 157 -21.60 31.38 22.58
N ILE B 158 -21.61 30.51 21.57
CA ILE B 158 -22.81 29.77 21.18
C ILE B 158 -22.42 28.31 21.00
N SER B 159 -23.28 27.41 21.46
CA SER B 159 -22.94 25.99 21.51
C SER B 159 -24.18 25.13 21.29
N GLN B 160 -24.94 25.43 20.23
CA GLN B 160 -26.01 24.55 19.78
C GLN B 160 -26.08 24.60 18.25
N GLY B 161 -26.36 23.45 17.65
CA GLY B 161 -26.32 23.36 16.20
C GLY B 161 -24.93 23.36 15.62
N VAL B 162 -23.92 23.02 16.42
CA VAL B 162 -22.53 23.00 16.00
C VAL B 162 -22.15 21.57 15.65
N ASP B 163 -21.57 21.38 14.46
CA ASP B 163 -21.06 20.09 14.03
C ASP B 163 -19.62 20.26 13.56
N THR B 164 -18.71 19.47 14.15
CA THR B 164 -17.30 19.57 13.85
C THR B 164 -16.76 18.18 13.51
N ALA B 165 -16.04 18.09 12.40
CA ALA B 165 -15.45 16.84 11.97
C ALA B 165 -14.07 16.64 12.58
N ASN B 166 -13.69 15.38 12.78
CA ASN B 166 -12.38 15.08 13.30
C ASN B 166 -11.30 15.44 12.28
N PRO B 167 -10.08 15.76 12.74
CA PRO B 167 -9.02 16.12 11.80
C PRO B 167 -8.55 14.90 11.02
N THR B 168 -8.45 15.06 9.71
CA THR B 168 -7.96 14.00 8.83
C THR B 168 -6.67 14.46 8.16
N LYS B 169 -5.86 13.49 7.75
CA LYS B 169 -4.60 13.76 7.07
C LYS B 169 -4.86 13.84 5.57
N GLN B 170 -4.63 15.01 4.99
CA GLN B 170 -4.78 15.24 3.56
C GLN B 170 -3.45 15.78 3.03
N GLY B 171 -2.59 14.87 2.59
CA GLY B 171 -1.32 15.29 2.01
C GLY B 171 -0.29 15.58 3.09
N ASN B 172 0.30 16.77 3.01
CA ASN B 172 1.39 17.11 3.93
C ASN B 172 0.87 17.29 5.35
N LYS B 173 -0.22 18.03 5.52
CA LYS B 173 -0.72 18.37 6.85
C LYS B 173 -2.14 17.88 7.08
N TYR B 174 -2.84 18.47 8.05
CA TYR B 174 -4.17 18.04 8.43
C TYR B 174 -5.20 19.09 8.01
N ILE B 175 -6.45 18.63 7.90
CA ILE B 175 -7.58 19.49 7.57
C ILE B 175 -8.78 19.09 8.43
N ALA B 176 -9.69 20.04 8.61
CA ALA B 176 -10.89 19.83 9.42
C ALA B 176 -11.92 20.87 9.04
N SER B 177 -13.17 20.60 9.41
CA SER B 177 -14.28 21.50 9.10
C SER B 177 -15.25 21.56 10.27
N SER B 178 -15.94 22.69 10.39
CA SER B 178 -16.93 22.90 11.43
C SER B 178 -18.12 23.64 10.86
N PHE B 179 -19.32 23.28 11.34
CA PHE B 179 -20.56 23.84 10.83
C PHE B 179 -21.40 24.39 11.98
N LEU B 180 -22.12 25.48 11.71
CA LEU B 180 -23.03 26.08 12.69
C LEU B 180 -24.39 26.23 12.04
N ARG B 181 -25.38 25.48 12.56
CA ARG B 181 -26.73 25.48 12.01
C ARG B 181 -27.58 26.53 12.70
N LEU B 182 -28.18 27.41 11.90
CA LEU B 182 -29.06 28.45 12.40
C LEU B 182 -30.25 28.59 11.48
N THR B 183 -31.28 29.29 11.96
CA THR B 183 -32.38 29.67 11.08
C THR B 183 -32.03 30.94 10.33
N ALA B 184 -32.76 31.19 9.24
CA ALA B 184 -32.53 32.40 8.47
C ALA B 184 -32.80 33.64 9.31
N GLU B 185 -33.73 33.55 10.26
CA GLU B 185 -33.99 34.67 11.16
C GLU B 185 -32.82 34.92 12.10
N GLN B 186 -32.24 33.84 12.66
CA GLN B 186 -31.11 34.00 13.56
C GLN B 186 -29.89 34.57 12.84
N TRP B 187 -29.69 34.21 11.57
CA TRP B 187 -28.53 34.70 10.83
C TRP B 187 -28.61 36.21 10.65
N ARG B 188 -29.73 36.71 10.13
CA ARG B 188 -29.89 38.14 9.91
C ARG B 188 -30.06 38.92 11.22
N SER B 189 -30.37 38.26 12.33
CA SER B 189 -30.63 38.97 13.57
C SER B 189 -29.36 39.52 14.23
N ARG B 190 -28.24 38.83 14.10
CA ARG B 190 -27.02 39.24 14.76
C ARG B 190 -26.09 40.00 13.80
N ASN B 191 -25.14 40.71 14.39
CA ASN B 191 -24.20 41.53 13.63
C ASN B 191 -22.93 40.79 13.25
N SER B 192 -22.54 39.77 14.02
CA SER B 192 -21.28 39.08 13.78
C SER B 192 -21.37 37.64 14.27
N PHE B 193 -20.63 36.77 13.58
CA PHE B 193 -20.47 35.37 13.96
C PHE B 193 -19.01 34.99 13.74
N THR B 194 -18.42 34.30 14.71
CA THR B 194 -16.98 34.03 14.70
C THR B 194 -16.71 32.55 14.88
N CYS B 195 -15.87 31.99 14.01
CA CYS B 195 -15.33 30.65 14.18
C CYS B 195 -13.96 30.75 14.83
N GLN B 196 -13.76 29.98 15.90
CA GLN B 196 -12.56 30.07 16.71
C GLN B 196 -11.91 28.70 16.84
N VAL B 197 -10.62 28.62 16.55
CA VAL B 197 -9.86 27.38 16.62
C VAL B 197 -8.67 27.57 17.56
N THR B 198 -8.45 26.59 18.42
CA THR B 198 -7.34 26.58 19.36
C THR B 198 -6.40 25.44 19.00
N HIS B 199 -5.15 25.77 18.70
CA HIS B 199 -4.16 24.77 18.27
C HIS B 199 -2.83 25.07 18.97
N GLU B 200 -2.52 24.28 20.00
CA GLU B 200 -1.23 24.35 20.68
C GLU B 200 -0.93 25.77 21.19
N GLY B 201 -1.82 26.27 22.04
CA GLY B 201 -1.61 27.58 22.63
C GLY B 201 -2.21 28.71 21.83
N ASN B 202 -2.19 28.58 20.50
CA ASN B 202 -2.73 29.63 19.65
C ASN B 202 -4.25 29.63 19.69
N THR B 203 -4.83 30.75 19.26
CA THR B 203 -6.28 30.90 19.18
C THR B 203 -6.57 31.80 17.98
N VAL B 204 -6.74 31.18 16.82
CA VAL B 204 -7.06 31.92 15.60
C VAL B 204 -8.57 31.98 15.42
N GLU B 205 -9.04 32.98 14.68
CA GLU B 205 -10.47 33.18 14.52
C GLU B 205 -10.74 34.05 13.30
N LYS B 206 -11.91 33.80 12.69
CA LYS B 206 -12.41 34.61 11.59
C LYS B 206 -13.89 34.84 11.80
N SER B 207 -14.40 35.96 11.28
CA SER B 207 -15.76 36.39 11.57
C SER B 207 -16.61 36.43 10.30
N LEU B 208 -17.92 36.38 10.51
CA LEU B 208 -18.91 36.47 9.44
C LEU B 208 -19.93 37.54 9.81
N SER B 209 -20.27 38.40 8.85
CA SER B 209 -21.20 39.49 9.10
C SER B 209 -22.33 39.45 8.08
N PRO B 210 -23.60 39.45 8.52
CA PRO B 210 -24.71 39.48 7.57
C PRO B 210 -25.01 40.87 7.03
N ALA B 211 -24.59 41.93 7.70
CA ALA B 211 -24.88 43.30 7.28
C ALA B 211 -23.94 43.73 6.15
N GLU B 212 -23.96 42.93 5.08
CA GLU B 212 -23.10 43.22 3.93
C GLU B 212 -23.72 44.27 3.01
N CYS B 213 -25.04 44.21 2.82
CA CYS B 213 -25.72 45.01 1.81
C CYS B 213 -26.73 45.95 2.49
N VAL B 214 -26.82 47.17 1.95
CA VAL B 214 -27.78 48.15 2.44
C VAL B 214 -28.66 48.60 1.28
N VAL C 4 34.82 -29.24 -16.77
CA VAL C 4 33.65 -28.39 -16.80
C VAL C 4 32.76 -28.69 -15.59
N PRO C 5 32.45 -27.66 -14.81
CA PRO C 5 31.62 -27.87 -13.61
C PRO C 5 30.23 -28.38 -13.96
N LYS C 6 29.57 -28.95 -12.94
CA LYS C 6 28.28 -29.60 -13.17
C LYS C 6 27.16 -28.60 -13.42
N TYR C 7 27.24 -27.42 -12.79
CA TYR C 7 26.14 -26.45 -12.85
C TYR C 7 25.95 -25.87 -14.25
N LEU C 8 26.96 -25.94 -15.11
CA LEU C 8 26.85 -25.31 -16.43
C LEU C 8 25.78 -25.96 -17.30
N LYS C 9 25.36 -27.18 -16.98
CA LYS C 9 24.34 -27.88 -17.74
C LYS C 9 22.95 -27.80 -17.11
N GLU C 10 22.84 -27.14 -15.93
CA GLU C 10 21.61 -27.02 -15.16
C GLU C 10 20.88 -25.73 -15.50
N PRO C 11 19.55 -25.70 -15.36
CA PRO C 11 18.80 -24.46 -15.60
C PRO C 11 19.27 -23.35 -14.67
N VAL C 12 19.17 -22.12 -15.16
CA VAL C 12 19.64 -20.95 -14.41
C VAL C 12 18.64 -20.62 -13.32
N VAL C 13 18.78 -21.28 -12.18
CA VAL C 13 18.01 -20.96 -10.98
C VAL C 13 18.95 -20.20 -10.05
N VAL C 14 18.64 -18.92 -9.80
CA VAL C 14 19.52 -18.08 -9.01
C VAL C 14 19.59 -18.63 -7.59
N GLY C 15 20.80 -18.92 -7.12
CA GLY C 15 20.99 -19.41 -5.77
C GLY C 15 21.52 -18.34 -4.83
N TYR C 16 22.14 -17.30 -5.40
CA TYR C 16 22.72 -16.23 -4.61
C TYR C 16 22.85 -14.99 -5.48
N VAL C 17 22.56 -13.83 -4.90
CA VAL C 17 22.66 -12.54 -5.57
C VAL C 17 23.71 -11.71 -4.84
N GLN C 18 24.72 -11.24 -5.57
CA GLN C 18 25.79 -10.45 -4.96
C GLN C 18 25.30 -9.05 -4.64
N ARG C 19 25.60 -8.59 -3.43
CA ARG C 19 25.25 -7.24 -3.03
C ARG C 19 26.04 -6.22 -3.86
N ASP C 20 25.40 -5.09 -4.15
CA ASP C 20 25.97 -3.98 -4.91
C ASP C 20 26.23 -4.34 -6.37
N SER C 21 25.63 -5.42 -6.86
CA SER C 21 25.83 -5.86 -8.24
C SER C 21 24.66 -5.41 -9.12
N ILE C 22 24.81 -5.65 -10.42
CA ILE C 22 23.76 -5.29 -11.36
C ILE C 22 22.49 -6.07 -11.07
N ALA C 23 22.62 -7.37 -10.78
CA ALA C 23 21.45 -8.20 -10.50
C ALA C 23 20.74 -7.75 -9.23
N GLN C 24 21.50 -7.32 -8.23
CA GLN C 24 20.88 -6.86 -6.99
C GLN C 24 20.16 -5.53 -7.20
N LYS C 25 20.78 -4.60 -7.93
CA LYS C 25 20.17 -3.29 -8.15
C LYS C 25 18.87 -3.41 -8.94
N ILE C 26 18.81 -4.35 -9.88
CA ILE C 26 17.61 -4.51 -10.70
C ILE C 26 16.52 -5.30 -9.99
N GLY C 27 16.85 -6.00 -8.92
CA GLY C 27 15.87 -6.72 -8.14
C GLY C 27 15.80 -8.22 -8.35
N ILE C 28 16.81 -8.82 -8.99
CA ILE C 28 16.85 -10.27 -9.14
C ILE C 28 17.08 -10.90 -7.77
N LYS C 29 16.27 -11.91 -7.45
CA LYS C 29 16.29 -12.54 -6.14
C LYS C 29 16.58 -14.04 -6.26
N PRO C 30 17.08 -14.66 -5.20
CA PRO C 30 17.25 -16.12 -5.22
C PRO C 30 15.92 -16.82 -5.43
N GLY C 31 15.94 -17.84 -6.29
CA GLY C 31 14.74 -18.54 -6.70
C GLY C 31 14.23 -18.13 -8.06
N ASP C 32 14.70 -17.01 -8.60
CA ASP C 32 14.33 -16.60 -9.94
C ASP C 32 14.98 -17.51 -10.98
N LYS C 33 14.28 -17.70 -12.10
CA LYS C 33 14.78 -18.51 -13.20
C LYS C 33 14.93 -17.61 -14.43
N ILE C 34 16.16 -17.46 -14.89
CA ILE C 34 16.44 -16.66 -16.08
C ILE C 34 16.21 -17.53 -17.31
N ILE C 35 15.35 -17.07 -18.22
CA ILE C 35 14.95 -17.85 -19.38
C ILE C 35 15.33 -17.19 -20.70
N LYS C 36 15.74 -15.92 -20.70
CA LYS C 36 16.13 -15.25 -21.93
C LYS C 36 16.91 -13.99 -21.61
N ILE C 37 17.85 -13.66 -22.49
CA ILE C 37 18.57 -12.40 -22.41
C ILE C 37 18.92 -11.95 -23.82
N1 SNN C 38 18.48 -11.62 -27.58
C SNN C 38 17.55 -11.26 -26.47
CA SNN C 38 18.16 -10.18 -25.68
N SNN C 38 18.52 -10.68 -24.37
C4 SNN C 38 19.63 -10.11 -26.09
C5 SNN C 38 19.66 -10.81 -27.57
O SNN C 38 16.51 -11.78 -26.25
O5 SNN C 38 20.44 -10.71 -28.46
CA GLY C 39 17.77 -12.58 -28.39
C GLY C 39 18.27 -13.99 -28.16
N TYR C 40 18.95 -14.21 -27.03
CA TYR C 40 19.53 -15.50 -26.69
C TYR C 40 18.60 -16.25 -25.74
N GLU C 41 18.16 -17.43 -26.15
CA GLU C 41 17.42 -18.30 -25.24
C GLU C 41 18.36 -18.82 -24.15
N VAL C 42 17.84 -18.86 -22.93
CA VAL C 42 18.64 -19.26 -21.75
C VAL C 42 17.96 -20.47 -21.13
N ARG C 43 18.54 -21.65 -21.36
CA ARG C 43 18.09 -22.88 -20.73
C ARG C 43 19.07 -23.43 -19.70
N THR C 44 20.36 -23.13 -19.85
CA THR C 44 21.40 -23.59 -18.94
C THR C 44 22.28 -22.42 -18.54
N TRP C 45 23.05 -22.63 -17.47
CA TRP C 45 24.03 -21.61 -17.06
C TRP C 45 25.06 -21.37 -18.14
N GLU C 46 25.34 -22.39 -18.97
CA GLU C 46 26.28 -22.22 -20.07
C GLU C 46 25.76 -21.21 -21.09
N ASP C 47 24.45 -21.26 -21.37
CA ASP C 47 23.87 -20.30 -22.31
C ASP C 47 24.03 -18.87 -21.81
N LEU C 48 23.74 -18.64 -20.53
CA LEU C 48 23.85 -17.28 -19.99
C LEU C 48 25.29 -16.78 -20.03
N ARG C 49 26.25 -17.63 -19.67
CA ARG C 49 27.65 -17.24 -19.71
C ARG C 49 28.08 -16.90 -21.14
N ASP C 50 27.70 -17.73 -22.11
CA ASP C 50 28.08 -17.46 -23.50
C ASP C 50 27.36 -16.24 -24.05
N ALA C 51 26.09 -16.06 -23.68
CA ALA C 51 25.35 -14.88 -24.15
C ALA C 51 25.96 -13.60 -23.60
N LEU C 52 26.24 -13.57 -22.29
CA LEU C 52 26.81 -12.37 -21.68
C LEU C 52 28.17 -12.02 -22.29
N ILE C 53 28.97 -13.02 -22.66
CA ILE C 53 30.25 -12.75 -23.30
C ILE C 53 30.04 -12.18 -24.69
N ARG C 54 29.19 -12.83 -25.50
CA ARG C 54 28.94 -12.33 -26.85
C ARG C 54 28.32 -10.94 -26.82
N LEU C 55 27.41 -10.68 -25.88
CA LEU C 55 26.76 -9.38 -25.81
C LEU C 55 27.77 -8.29 -25.47
N SER C 56 28.62 -8.54 -24.47
CA SER C 56 29.61 -7.54 -24.08
C SER C 56 30.63 -7.31 -25.17
N LEU C 57 31.04 -8.38 -25.87
CA LEU C 57 31.99 -8.22 -26.97
C LEU C 57 31.39 -7.43 -28.12
N ASP C 58 30.08 -7.53 -28.33
CA ASP C 58 29.39 -6.75 -29.35
C ASP C 58 29.11 -5.32 -28.90
N GLY C 59 29.58 -4.92 -27.72
CA GLY C 59 29.39 -3.57 -27.24
C GLY C 59 28.04 -3.29 -26.64
N VAL C 60 27.22 -4.31 -26.38
CA VAL C 60 25.88 -4.10 -25.84
C VAL C 60 26.01 -3.64 -24.39
N LYS C 61 25.42 -2.47 -24.11
CA LYS C 61 25.41 -1.93 -22.75
C LYS C 61 24.10 -2.17 -22.02
N GLU C 62 22.99 -2.26 -22.74
CA GLU C 62 21.68 -2.53 -22.16
C GLU C 62 20.91 -3.47 -23.08
N THR C 63 20.17 -4.40 -22.47
CA THR C 63 19.34 -5.33 -23.22
C THR C 63 18.25 -5.84 -22.29
N THR C 64 17.38 -6.68 -22.83
CA THR C 64 16.29 -7.26 -22.05
C THR C 64 16.75 -8.50 -21.31
N LEU C 65 16.03 -8.83 -20.24
CA LEU C 65 16.26 -10.06 -19.48
C LEU C 65 14.91 -10.59 -19.02
N PHE C 66 14.55 -11.79 -19.48
CA PHE C 66 13.28 -12.41 -19.15
C PHE C 66 13.50 -13.40 -18.01
N LEU C 67 12.63 -13.33 -17.01
CA LEU C 67 12.83 -14.02 -15.75
C LEU C 67 11.51 -14.56 -15.23
N GLU C 68 11.55 -15.74 -14.62
CA GLU C 68 10.38 -16.35 -14.02
C GLU C 68 10.54 -16.38 -12.50
N ARG C 69 9.46 -16.05 -11.80
CA ARG C 69 9.45 -15.99 -10.34
C ARG C 69 8.31 -16.88 -9.84
N GLU C 70 8.63 -18.12 -9.49
CA GLU C 70 7.65 -19.09 -9.03
C GLU C 70 8.17 -19.79 -7.78
N GLY C 71 7.36 -20.68 -7.22
CA GLY C 71 7.75 -21.43 -6.04
C GLY C 71 6.75 -21.34 -4.91
N GLY C 72 6.82 -22.28 -3.97
CA GLY C 72 5.96 -22.26 -2.81
C GLY C 72 4.56 -22.77 -3.09
N VAL C 73 3.75 -22.78 -2.03
CA VAL C 73 2.37 -23.25 -2.13
C VAL C 73 1.50 -22.14 -2.69
N ALA C 74 0.62 -22.50 -3.62
CA ALA C 74 -0.28 -21.52 -4.21
C ALA C 74 -1.38 -21.13 -3.23
N MET C 75 -1.75 -19.85 -3.26
CA MET C 75 -2.83 -19.37 -2.41
C MET C 75 -4.17 -19.73 -3.04
N PRO C 76 -5.17 -20.09 -2.23
CA PRO C 76 -6.46 -20.55 -2.77
C PRO C 76 -7.04 -19.55 -3.78
N GLY C 77 -7.54 -20.09 -4.90
CA GLY C 77 -8.08 -19.30 -5.97
C GLY C 77 -7.06 -18.85 -7.00
N ALA C 78 -5.77 -18.90 -6.68
CA ALA C 78 -4.71 -18.45 -7.57
C ALA C 78 -3.87 -19.59 -8.11
N GLU C 79 -4.31 -20.84 -7.93
CA GLU C 79 -3.49 -21.97 -8.35
C GLU C 79 -3.46 -22.12 -9.87
N ASP C 80 -4.49 -21.62 -10.56
CA ASP C 80 -4.57 -21.71 -12.01
C ASP C 80 -3.94 -20.52 -12.72
N ASP C 81 -3.28 -19.62 -12.00
CA ASP C 81 -2.68 -18.45 -12.61
C ASP C 81 -1.53 -18.85 -13.53
N VAL C 82 -1.27 -18.01 -14.53
CA VAL C 82 -0.12 -18.24 -15.39
C VAL C 82 1.16 -17.86 -14.67
N VAL C 83 2.28 -18.33 -15.22
CA VAL C 83 3.59 -18.12 -14.59
C VAL C 83 3.94 -16.65 -14.59
N GLU C 84 4.45 -16.17 -13.46
CA GLU C 84 4.91 -14.78 -13.33
C GLU C 84 6.20 -14.60 -14.11
N VAL C 85 6.09 -14.04 -15.31
CA VAL C 85 7.25 -13.79 -16.18
C VAL C 85 7.54 -12.29 -16.13
N LEU C 86 8.75 -11.93 -15.73
CA LEU C 86 9.15 -10.54 -15.56
C LEU C 86 10.00 -10.10 -16.75
N HIS C 87 9.69 -8.91 -17.28
CA HIS C 87 10.43 -8.31 -18.38
C HIS C 87 11.29 -7.18 -17.80
N LEU C 88 12.60 -7.35 -17.85
CA LEU C 88 13.54 -6.41 -17.24
C LEU C 88 14.45 -5.82 -18.31
N THR C 89 14.93 -4.62 -18.06
CA THR C 89 15.98 -3.99 -18.86
C THR C 89 17.25 -4.01 -18.01
N ILE C 90 18.25 -4.75 -18.47
CA ILE C 90 19.44 -5.05 -17.68
C ILE C 90 20.64 -4.32 -18.25
N LYS C 91 21.58 -4.00 -17.38
CA LYS C 91 22.88 -3.48 -17.78
C LYS C 91 23.80 -4.67 -18.05
N VAL C 92 24.35 -4.74 -19.26
CA VAL C 92 25.23 -5.85 -19.62
C VAL C 92 26.59 -5.60 -18.98
N PRO C 93 27.14 -6.58 -18.25
CA PRO C 93 28.46 -6.38 -17.63
C PRO C 93 29.56 -6.31 -18.67
N ASN C 94 30.53 -5.43 -18.42
CA ASN C 94 31.70 -5.29 -19.28
C ASN C 94 32.68 -6.42 -18.97
N VAL C 95 32.66 -7.47 -19.78
CA VAL C 95 33.53 -8.62 -19.53
C VAL C 95 34.98 -8.31 -19.85
N GLN C 96 35.24 -7.29 -20.68
CA GLN C 96 36.62 -6.89 -20.95
C GLN C 96 37.30 -6.36 -19.69
N LYS C 97 36.54 -5.73 -18.80
CA LYS C 97 37.05 -5.22 -17.54
C LYS C 97 36.77 -6.15 -16.37
N GLY C 98 36.31 -7.37 -16.64
CA GLY C 98 36.08 -8.35 -15.59
C GLY C 98 34.78 -8.20 -14.83
N GLU C 99 33.88 -7.34 -15.28
CA GLU C 99 32.61 -7.15 -14.59
C GLU C 99 31.74 -8.39 -14.71
N GLU C 100 30.94 -8.63 -13.68
CA GLU C 100 30.05 -9.78 -13.62
C GLU C 100 28.61 -9.32 -13.40
N LEU C 101 27.67 -10.21 -13.70
CA LEU C 101 26.26 -9.88 -13.52
C LEU C 101 25.88 -9.87 -12.06
N GLY C 102 26.41 -10.80 -11.27
CA GLY C 102 26.18 -10.85 -9.85
C GLY C 102 25.28 -11.97 -9.34
N ILE C 103 25.06 -13.01 -10.13
CA ILE C 103 24.26 -14.15 -9.69
C ILE C 103 25.14 -15.38 -9.63
N ALA C 104 24.78 -16.30 -8.74
CA ALA C 104 25.51 -17.52 -8.49
C ALA C 104 24.56 -18.72 -8.53
N PRO C 105 25.06 -19.88 -8.93
CA PRO C 105 24.20 -21.07 -8.98
C PRO C 105 24.05 -21.70 -7.61
N LEU C 106 23.08 -22.62 -7.52
CA LEU C 106 22.79 -23.32 -6.26
C LEU C 106 23.70 -24.54 -6.17
N VAL C 107 24.97 -24.28 -5.84
CA VAL C 107 25.96 -25.33 -5.61
C VAL C 107 26.17 -25.44 -4.11
N LYS C 108 26.01 -26.65 -3.57
CA LYS C 108 26.11 -26.85 -2.14
C LYS C 108 27.52 -26.52 -1.66
N PRO C 109 27.68 -25.74 -0.59
CA PRO C 109 29.03 -25.37 -0.14
C PRO C 109 29.81 -26.54 0.43
N VAL C 110 30.24 -27.45 -0.43
CA VAL C 110 31.02 -28.62 -0.02
C VAL C 110 32.49 -28.33 -0.30
N VAL C 111 33.31 -28.41 0.74
CA VAL C 111 34.74 -28.15 0.60
C VAL C 111 35.38 -29.26 -0.20
N GLY C 112 36.15 -28.89 -1.22
CA GLY C 112 36.85 -29.87 -2.05
C GLY C 112 38.28 -30.08 -1.63
N GLY C 113 38.85 -29.12 -0.92
CA GLY C 113 40.23 -29.22 -0.49
C GLY C 113 40.55 -28.15 0.53
N VAL C 114 41.59 -28.42 1.32
CA VAL C 114 42.09 -27.51 2.35
C VAL C 114 43.57 -27.32 2.14
N LYS C 115 44.02 -26.06 2.21
CA LYS C 115 45.43 -25.76 2.00
C LYS C 115 46.26 -26.23 3.18
N LYS C 116 47.43 -26.79 2.89
CA LYS C 116 48.34 -27.27 3.93
C LYS C 116 48.97 -26.10 4.65
N GLY C 117 48.83 -26.06 5.98
CA GLY C 117 49.43 -25.02 6.79
C GLY C 117 48.56 -23.82 7.05
N SER C 118 47.55 -23.57 6.21
CA SER C 118 46.69 -22.40 6.40
C SER C 118 45.81 -22.59 7.62
N PRO C 119 45.67 -21.58 8.51
CA PRO C 119 44.73 -21.69 9.63
C PRO C 119 43.33 -22.11 9.19
N ALA C 120 43.23 -23.36 8.75
CA ALA C 120 41.96 -24.02 8.47
C ALA C 120 42.01 -25.38 9.14
N ASP C 121 42.97 -26.22 8.74
CA ASP C 121 43.29 -27.41 9.52
C ASP C 121 43.72 -27.06 10.94
N GLN C 122 43.88 -25.76 11.24
CA GLN C 122 44.05 -25.30 12.61
C GLN C 122 42.94 -25.84 13.51
N VAL C 123 41.68 -25.52 13.19
CA VAL C 123 40.54 -26.02 13.95
C VAL C 123 40.00 -27.32 13.38
N GLY C 124 40.53 -27.78 12.26
CA GLY C 124 40.22 -29.11 11.78
C GLY C 124 39.06 -29.21 10.82
N ILE C 125 39.05 -28.39 9.76
CA ILE C 125 38.13 -28.57 8.64
C ILE C 125 38.85 -29.35 7.55
N LYS C 126 38.25 -30.47 7.14
CA LYS C 126 38.83 -31.42 6.21
C LYS C 126 38.14 -31.35 4.86
N PRO C 127 38.79 -31.83 3.79
CA PRO C 127 38.11 -31.89 2.50
C PRO C 127 36.93 -32.85 2.52
N GLY C 128 35.83 -32.42 1.90
CA GLY C 128 34.60 -33.18 1.90
C GLY C 128 33.56 -32.70 2.90
N ASP C 129 33.86 -31.66 3.66
CA ASP C 129 32.92 -31.13 4.65
C ASP C 129 31.83 -30.30 3.96
N LEU C 130 30.71 -30.16 4.66
CA LEU C 130 29.57 -29.39 4.18
C LEU C 130 29.26 -28.29 5.19
N ILE C 131 29.30 -27.04 4.73
CA ILE C 131 29.02 -25.90 5.59
C ILE C 131 27.50 -25.72 5.68
N LEU C 132 27.00 -25.64 6.92
CA LEU C 132 25.57 -25.52 7.13
C LEU C 132 25.19 -24.09 7.50
N GLU C 133 25.62 -23.63 8.68
CA GLU C 133 25.34 -22.29 9.15
C GLU C 133 26.62 -21.60 9.58
N VAL C 134 26.70 -20.29 9.34
CA VAL C 134 27.79 -19.46 9.84
C VAL C 134 27.19 -18.26 10.55
N ASN C 135 27.83 -17.85 11.65
CA ASN C 135 27.39 -16.72 12.47
C ASN C 135 25.92 -16.83 12.86
N GLY C 136 25.42 -18.07 12.96
CA GLY C 136 24.04 -18.33 13.28
C GLY C 136 23.10 -18.36 12.09
N LYS C 137 23.42 -17.61 11.03
CA LYS C 137 22.55 -17.54 9.86
C LYS C 137 22.72 -18.78 8.99
N LYS C 138 21.61 -19.35 8.55
CA LYS C 138 21.66 -20.44 7.58
C LYS C 138 22.10 -19.91 6.23
N ILE C 139 22.83 -20.75 5.49
CA ILE C 139 23.27 -20.42 4.14
C ILE C 139 23.09 -21.65 3.27
N ASN C 140 22.94 -21.41 1.96
CA ASN C 140 22.69 -22.49 1.01
C ASN C 140 23.71 -22.53 -0.14
N THR C 141 24.71 -21.66 -0.14
CA THR C 141 25.68 -21.63 -1.22
C THR C 141 27.03 -21.20 -0.66
N TRP C 142 28.06 -21.34 -1.50
CA TRP C 142 29.42 -21.04 -1.07
C TRP C 142 29.67 -19.54 -0.98
N TYR C 143 29.20 -18.78 -1.97
CA TYR C 143 29.46 -17.34 -2.02
C TYR C 143 28.87 -16.60 -0.82
N GLU C 144 27.92 -17.21 -0.12
CA GLU C 144 27.39 -16.59 1.10
C GLU C 144 28.45 -16.54 2.19
N LEU C 145 29.32 -17.55 2.26
CA LEU C 145 30.37 -17.54 3.27
C LEU C 145 31.44 -16.51 2.96
N VAL C 146 31.82 -16.39 1.68
CA VAL C 146 32.88 -15.48 1.29
C VAL C 146 32.48 -14.03 1.50
N GLU C 147 31.17 -13.75 1.60
CA GLU C 147 30.73 -12.38 1.84
C GLU C 147 31.02 -11.95 3.27
N GLU C 148 30.70 -12.81 4.23
CA GLU C 148 30.90 -12.48 5.64
C GLU C 148 32.36 -12.55 6.06
N VAL C 149 33.23 -13.15 5.25
CA VAL C 149 34.65 -13.22 5.61
C VAL C 149 35.30 -11.85 5.44
N ARG C 150 35.05 -11.19 4.32
CA ARG C 150 35.61 -9.87 4.04
C ARG C 150 34.69 -8.74 4.50
N LYS C 151 33.80 -9.01 5.45
CA LYS C 151 32.95 -7.97 6.02
C LYS C 151 33.05 -8.01 7.55
N SER C 152 33.33 -9.21 8.09
CA SER C 152 33.41 -9.38 9.54
C SER C 152 34.49 -8.51 10.14
N GLN C 153 35.64 -8.37 9.45
CA GLN C 153 36.79 -7.59 9.90
C GLN C 153 37.49 -8.27 11.08
N GLY C 154 37.85 -9.54 10.89
CA GLY C 154 38.73 -10.25 11.79
C GLY C 154 38.06 -11.02 12.91
N LYS C 155 36.89 -10.57 13.37
CA LYS C 155 36.26 -11.21 14.52
C LYS C 155 35.86 -12.65 14.19
N ALA C 156 35.66 -13.44 15.25
CA ALA C 156 35.44 -14.87 15.10
C ALA C 156 34.14 -15.16 14.36
N ILE C 157 34.20 -16.10 13.44
CA ILE C 157 33.03 -16.55 12.67
C ILE C 157 32.76 -17.99 13.07
N LYS C 158 31.63 -18.22 13.74
CA LYS C 158 31.26 -19.56 14.20
C LYS C 158 30.63 -20.33 13.05
N LEU C 159 31.22 -21.47 12.71
CA LEU C 159 30.78 -22.28 11.57
C LEU C 159 30.19 -23.59 12.06
N LYS C 160 29.22 -24.12 11.30
CA LYS C 160 28.57 -25.39 11.57
C LYS C 160 28.79 -26.31 10.38
N ILE C 161 29.23 -27.53 10.64
CA ILE C 161 29.72 -28.43 9.60
C ILE C 161 29.12 -29.81 9.79
N LEU C 162 28.73 -30.45 8.69
CA LEU C 162 28.26 -31.82 8.67
C LEU C 162 29.29 -32.72 7.99
N ARG C 163 29.55 -33.87 8.59
CA ARG C 163 30.53 -34.83 8.05
C ARG C 163 29.99 -36.24 8.24
N ASN C 164 29.53 -36.85 7.15
CA ASN C 164 29.06 -38.24 7.13
C ASN C 164 27.93 -38.50 8.11
N GLY C 165 27.20 -37.47 8.50
CA GLY C 165 26.09 -37.64 9.43
C GLY C 165 26.19 -36.79 10.67
N LYS C 166 27.39 -36.65 11.22
CA LYS C 166 27.60 -35.87 12.43
C LYS C 166 27.66 -34.38 12.10
N MET C 167 27.14 -33.56 13.02
CA MET C 167 27.19 -32.11 12.89
C MET C 167 28.19 -31.58 13.91
N ILE C 168 29.20 -30.86 13.41
CA ILE C 168 30.31 -30.38 14.23
C ILE C 168 30.40 -28.87 14.09
N GLU C 169 30.86 -28.22 15.16
CA GLU C 169 30.98 -26.77 15.21
C GLU C 169 32.45 -26.37 15.28
N LYS C 170 32.87 -25.47 14.39
CA LYS C 170 34.23 -24.98 14.34
C LYS C 170 34.23 -23.46 14.30
N GLU C 171 35.26 -22.86 14.92
CA GLU C 171 35.37 -21.41 15.02
C GLU C 171 36.76 -20.98 14.56
N LEU C 172 36.81 -19.94 13.73
CA LEU C 172 38.07 -19.45 13.18
C LEU C 172 38.14 -17.93 13.31
N ILE C 173 39.37 -17.41 13.25
CA ILE C 173 39.62 -15.99 13.46
C ILE C 173 40.60 -15.30 12.50
N PRO C 174 41.27 -15.99 11.56
CA PRO C 174 42.42 -15.35 10.89
C PRO C 174 42.00 -14.20 10.00
N ALA C 175 42.99 -13.44 9.53
CA ALA C 175 42.71 -12.21 8.81
C ALA C 175 43.65 -11.96 7.63
N LYS C 176 44.55 -10.99 7.77
CA LYS C 176 45.24 -10.38 6.65
C LYS C 176 46.22 -11.37 5.99
N ASP C 177 46.83 -10.91 4.91
CA ASP C 177 47.79 -11.66 4.09
C ASP C 177 48.79 -10.67 3.51
N PRO C 178 50.07 -11.05 3.41
CA PRO C 178 51.07 -10.10 2.89
C PRO C 178 51.16 -10.08 1.37
N LYS C 179 51.06 -11.25 0.73
CA LYS C 179 51.24 -11.33 -0.72
C LYS C 179 50.11 -10.61 -1.45
N THR C 180 48.88 -10.73 -0.96
CA THR C 180 47.72 -10.09 -1.56
C THR C 180 47.28 -8.89 -0.73
N GLY C 181 46.65 -9.13 0.42
CA GLY C 181 46.21 -8.04 1.27
C GLY C 181 44.72 -8.07 1.55
N THR C 182 44.21 -9.25 1.92
CA THR C 182 42.79 -9.41 2.20
C THR C 182 42.60 -10.56 3.18
N TYR C 183 41.43 -10.59 3.81
CA TYR C 183 41.11 -11.62 4.79
C TYR C 183 40.79 -12.93 4.08
N PHE C 184 41.44 -14.00 4.49
CA PHE C 184 41.25 -15.31 3.87
C PHE C 184 41.32 -16.40 4.92
N ILE C 185 40.78 -17.57 4.58
CA ILE C 185 40.72 -18.72 5.46
C ILE C 185 41.52 -19.89 4.90
N GLY C 186 41.29 -20.23 3.63
CA GLY C 186 41.99 -21.33 3.01
C GLY C 186 41.10 -22.53 2.74
N LEU C 187 40.21 -22.41 1.75
CA LEU C 187 39.28 -23.47 1.42
C LEU C 187 39.14 -23.59 -0.09
N PHE C 188 39.07 -24.83 -0.58
CA PHE C 188 38.89 -25.11 -1.99
C PHE C 188 37.50 -25.65 -2.24
N PRO C 189 36.67 -24.99 -3.05
CA PRO C 189 35.34 -25.54 -3.36
C PRO C 189 35.44 -26.72 -4.31
N LYS C 190 34.33 -27.42 -4.45
CA LYS C 190 34.24 -28.56 -5.36
C LYS C 190 33.09 -28.39 -6.34
#